data_3R1I
#
_entry.id   3R1I
#
_cell.length_a   84.520
_cell.length_b   127.910
_cell.length_c   105.650
_cell.angle_alpha   90.000
_cell.angle_beta   90.000
_cell.angle_gamma   90.000
#
_symmetry.space_group_name_H-M   'C 2 2 21'
#
loop_
_entity.id
_entity.type
_entity.pdbx_description
1 polymer 'Short-chain type dehydrogenase/reductase'
2 non-polymer 'MAGNESIUM ION'
3 non-polymer 1,2-ETHANEDIOL
4 water water
#
_entity_poly.entity_id   1
_entity_poly.type   'polypeptide(L)'
_entity_poly.pdbx_seq_one_letter_code
;MAHHHHHHMGTLEAQTQGPGSMSVLDLFDLSGKRALITGASTGIGKKVALAYAEAGAQVAVAARHSDALQVVADEIAGVG
GKALPIRCDVTQPDQVRGMLDQMTGELGGIDIAVCNAGIVSVQAMLDMPLEEFQRIQDTNVTGVFLTAQAAARAMVDQGL
GGTIITTASMSGHIINIPQQVSHYCTSKAAVVHLTKAMAVELAPHQIRVNSVSPGYIRTELVEPLADYHALWEPKIPLGR
MGRPEELTGLYLYLASAASSYMTGSDIVIDGGYTCP
;
_entity_poly.pdbx_strand_id   A,B
#
# COMPACT_ATOMS: atom_id res chain seq x y z
N SER A 23 -15.87 6.32 -11.49
CA SER A 23 -15.68 5.06 -10.73
C SER A 23 -14.30 5.01 -10.06
N VAL A 24 -14.16 4.13 -9.09
CA VAL A 24 -12.87 3.86 -8.44
C VAL A 24 -11.73 3.62 -9.48
N LEU A 25 -12.05 2.97 -10.59
CA LEU A 25 -11.02 2.70 -11.62
C LEU A 25 -10.37 3.97 -12.19
N ASP A 26 -11.15 5.04 -12.35
CA ASP A 26 -10.62 6.30 -12.91
C ASP A 26 -9.65 7.03 -11.98
N LEU A 27 -9.65 6.65 -10.69
CA LEU A 27 -8.66 7.17 -9.74
C LEU A 27 -7.24 6.80 -10.12
N PHE A 28 -7.08 5.72 -10.89
CA PHE A 28 -5.74 5.20 -11.28
C PHE A 28 -5.22 5.73 -12.63
N ASP A 29 -5.98 6.62 -13.24
CA ASP A 29 -5.64 7.16 -14.57
C ASP A 29 -4.52 8.22 -14.46
N LEU A 30 -3.49 8.08 -15.28
CA LEU A 30 -2.39 9.02 -15.27
C LEU A 30 -2.34 9.93 -16.51
N SER A 31 -3.42 9.90 -17.31
CA SER A 31 -3.54 10.78 -18.50
C SER A 31 -3.26 12.23 -18.13
N GLY A 32 -2.39 12.89 -18.88
CA GLY A 32 -2.05 14.27 -18.60
C GLY A 32 -0.92 14.46 -17.58
N LYS A 33 -0.45 13.37 -16.97
CA LYS A 33 0.58 13.49 -15.94
C LYS A 33 1.96 13.25 -16.51
N ARG A 34 2.96 13.89 -15.92
CA ARG A 34 4.33 13.76 -16.34
C ARG A 34 5.16 13.14 -15.23
N ALA A 35 5.74 11.97 -15.52
CA ALA A 35 6.38 11.16 -14.51
C ALA A 35 7.88 11.01 -14.79
N LEU A 36 8.70 11.14 -13.76
CA LEU A 36 10.12 10.86 -13.85
C LEU A 36 10.40 9.62 -13.03
N ILE A 37 11.15 8.69 -13.62
CA ILE A 37 11.60 7.48 -12.94
C ILE A 37 13.09 7.29 -13.11
N THR A 38 13.81 7.28 -11.99
CA THR A 38 15.24 7.00 -11.98
C THR A 38 15.50 5.48 -11.86
N GLY A 39 16.66 5.02 -12.33
CA GLY A 39 16.99 3.59 -12.28
C GLY A 39 15.99 2.81 -13.13
N ALA A 40 15.63 3.41 -14.27
CA ALA A 40 14.50 2.96 -15.07
C ALA A 40 14.88 1.95 -16.15
N SER A 41 16.16 1.60 -16.24
CA SER A 41 16.59 0.72 -17.32
C SER A 41 16.33 -0.76 -17.03
N THR A 42 16.17 -1.13 -15.75
CA THR A 42 15.96 -2.54 -15.39
C THR A 42 14.98 -2.72 -14.26
N GLY A 43 14.63 -3.98 -14.00
CA GLY A 43 13.93 -4.37 -12.78
C GLY A 43 12.66 -3.61 -12.48
N ILE A 44 12.54 -3.18 -11.22
CA ILE A 44 11.38 -2.43 -10.77
C ILE A 44 11.11 -1.13 -11.59
N GLY A 45 12.14 -0.29 -11.74
CA GLY A 45 12.01 0.96 -12.48
C GLY A 45 11.49 0.79 -13.91
N LYS A 46 11.98 -0.22 -14.59
CA LYS A 46 11.55 -0.54 -15.94
C LYS A 46 10.08 -0.91 -15.99
N LYS A 47 9.68 -1.85 -15.12
CA LYS A 47 8.28 -2.26 -15.09
C LYS A 47 7.36 -1.10 -14.74
N VAL A 48 7.79 -0.27 -13.78
CA VAL A 48 7.00 0.89 -13.35
C VAL A 48 6.86 1.93 -14.47
N ALA A 49 7.95 2.19 -15.21
CA ALA A 49 7.89 3.11 -16.34
C ALA A 49 6.85 2.65 -17.37
N LEU A 50 6.84 1.36 -17.70
CA LEU A 50 5.89 0.79 -18.66
C LEU A 50 4.48 0.93 -18.11
N ALA A 51 4.31 0.59 -16.84
CA ALA A 51 3.01 0.70 -16.20
C ALA A 51 2.45 2.10 -16.29
N TYR A 52 3.28 3.11 -15.99
CA TYR A 52 2.81 4.49 -15.99
C TYR A 52 2.39 4.94 -17.40
N ALA A 53 3.15 4.50 -18.40
CA ALA A 53 2.79 4.80 -19.80
C ALA A 53 1.48 4.14 -20.16
N GLU A 54 1.29 2.89 -19.74
CA GLU A 54 0.06 2.15 -19.95
C GLU A 54 -1.13 2.88 -19.32
N ALA A 55 -0.88 3.54 -18.17
CA ALA A 55 -1.89 4.36 -17.48
C ALA A 55 -2.07 5.80 -18.03
N GLY A 56 -1.33 6.15 -19.08
CA GLY A 56 -1.55 7.42 -19.79
C GLY A 56 -0.54 8.53 -19.52
N ALA A 57 0.44 8.26 -18.66
CA ALA A 57 1.49 9.24 -18.37
C ALA A 57 2.52 9.43 -19.48
N GLN A 58 3.02 10.66 -19.59
CA GLN A 58 4.29 10.95 -20.29
C GLN A 58 5.43 10.63 -19.33
N VAL A 59 6.33 9.76 -19.77
CA VAL A 59 7.35 9.18 -18.88
C VAL A 59 8.74 9.60 -19.32
N ALA A 60 9.48 10.18 -18.39
CA ALA A 60 10.90 10.42 -18.55
C ALA A 60 11.60 9.31 -17.77
N VAL A 61 12.54 8.64 -18.43
CA VAL A 61 13.26 7.52 -17.84
C VAL A 61 14.74 7.88 -17.72
N ALA A 62 15.30 7.69 -16.53
CA ALA A 62 16.70 8.03 -16.27
C ALA A 62 17.52 6.84 -15.84
N ALA A 63 18.79 6.86 -16.23
CA ALA A 63 19.74 5.82 -15.84
C ALA A 63 21.13 6.37 -15.98
N ARG A 64 22.06 5.73 -15.30
CA ARG A 64 23.44 6.15 -15.26
C ARG A 64 24.02 6.19 -16.69
N HIS A 65 23.63 5.20 -17.49
CA HIS A 65 24.00 5.14 -18.92
C HIS A 65 22.75 5.09 -19.80
N SER A 66 22.61 6.09 -20.67
CA SER A 66 21.35 6.22 -21.43
C SER A 66 21.14 5.13 -22.48
N ASP A 67 22.25 4.52 -22.93
CA ASP A 67 22.22 3.34 -23.80
C ASP A 67 21.36 2.22 -23.21
N ALA A 68 21.41 2.10 -21.88
CA ALA A 68 20.69 1.06 -21.16
C ALA A 68 19.16 1.27 -21.17
N LEU A 69 18.72 2.47 -21.55
CA LEU A 69 17.31 2.80 -21.59
C LEU A 69 16.60 2.42 -22.90
N GLN A 70 17.34 1.84 -23.86
CA GLN A 70 16.77 1.47 -25.17
C GLN A 70 15.58 0.52 -25.04
N VAL A 71 15.74 -0.53 -24.25
CA VAL A 71 14.71 -1.58 -24.11
C VAL A 71 13.41 -1.00 -23.53
N VAL A 72 13.52 -0.28 -22.42
CA VAL A 72 12.34 0.36 -21.81
C VAL A 72 11.67 1.38 -22.75
N ALA A 73 12.47 2.20 -23.43
CA ALA A 73 11.91 3.18 -24.36
C ALA A 73 11.14 2.50 -25.50
N ASP A 74 11.63 1.33 -25.93
CA ASP A 74 10.99 0.54 -26.98
C ASP A 74 9.69 -0.09 -26.51
N GLU A 75 9.69 -0.64 -25.30
CA GLU A 75 8.48 -1.20 -24.75
C GLU A 75 7.43 -0.11 -24.56
N ILE A 76 7.87 1.10 -24.20
CA ILE A 76 6.97 2.25 -24.05
C ILE A 76 6.36 2.66 -25.39
N ALA A 77 7.17 2.74 -26.43
CA ALA A 77 6.67 2.89 -27.81
C ALA A 77 5.64 1.79 -28.14
N GLY A 78 5.97 0.56 -27.75
CA GLY A 78 5.08 -0.60 -27.90
C GLY A 78 3.64 -0.45 -27.42
N VAL A 79 3.40 0.39 -26.41
CA VAL A 79 2.03 0.66 -25.95
C VAL A 79 1.46 1.98 -26.48
N GLY A 80 2.22 2.67 -27.35
CA GLY A 80 1.77 3.90 -28.00
C GLY A 80 2.21 5.21 -27.37
N GLY A 81 3.11 5.13 -26.39
CA GLY A 81 3.69 6.34 -25.78
C GLY A 81 5.06 6.61 -26.35
N LYS A 82 5.64 7.73 -25.96
CA LYS A 82 7.04 8.02 -26.27
C LYS A 82 7.75 8.41 -24.97
N ALA A 83 8.81 7.68 -24.64
CA ALA A 83 9.61 7.92 -23.44
C ALA A 83 10.61 9.04 -23.67
N LEU A 84 10.96 9.76 -22.62
CA LEU A 84 12.07 10.68 -22.66
C LEU A 84 13.27 10.08 -21.92
N PRO A 85 14.26 9.56 -22.67
CA PRO A 85 15.44 8.98 -22.00
C PRO A 85 16.41 10.05 -21.51
N ILE A 86 16.91 9.88 -20.29
CA ILE A 86 17.79 10.89 -19.68
C ILE A 86 18.96 10.20 -19.00
N ARG A 87 20.18 10.63 -19.35
CA ARG A 87 21.37 10.17 -18.64
C ARG A 87 21.50 10.90 -17.31
N CYS A 88 21.55 10.15 -16.21
CA CYS A 88 21.73 10.79 -14.91
C CYS A 88 22.31 9.85 -13.89
N ASP A 89 23.44 10.25 -13.31
CA ASP A 89 24.01 9.65 -12.12
C ASP A 89 23.43 10.44 -10.97
N VAL A 90 22.50 9.83 -10.24
CA VAL A 90 21.72 10.55 -9.23
C VAL A 90 22.56 11.04 -8.04
N THR A 91 23.82 10.59 -7.95
CA THR A 91 24.75 11.04 -6.92
C THR A 91 25.34 12.41 -7.25
N GLN A 92 25.13 12.87 -8.48
CA GLN A 92 25.80 14.10 -8.97
C GLN A 92 24.81 15.24 -9.13
N PRO A 93 24.91 16.29 -8.28
CA PRO A 93 23.99 17.42 -8.35
C PRO A 93 23.84 18.02 -9.75
N ASP A 94 24.96 18.18 -10.47
CA ASP A 94 24.91 18.79 -11.83
C ASP A 94 24.08 17.94 -12.80
N GLN A 95 24.21 16.62 -12.69
CA GLN A 95 23.41 15.71 -13.52
C GLN A 95 21.94 15.67 -13.10
N VAL A 96 21.70 15.71 -11.79
CA VAL A 96 20.30 15.75 -11.30
C VAL A 96 19.62 17.04 -11.79
N ARG A 97 20.34 18.16 -11.66
CA ARG A 97 19.91 19.47 -12.18
C ARG A 97 19.57 19.38 -13.68
N GLY A 98 20.49 18.81 -14.46
CA GLY A 98 20.29 18.60 -15.89
C GLY A 98 19.10 17.72 -16.22
N MET A 99 18.86 16.69 -15.41
CA MET A 99 17.71 15.79 -15.58
C MET A 99 16.37 16.53 -15.42
N LEU A 100 16.24 17.27 -14.32
CA LEU A 100 14.99 18.00 -14.10
C LEU A 100 14.81 19.08 -15.18
N ASP A 101 15.89 19.75 -15.56
CA ASP A 101 15.78 20.81 -16.57
C ASP A 101 15.38 20.21 -17.90
N GLN A 102 15.94 19.05 -18.22
CA GLN A 102 15.57 18.35 -19.44
C GLN A 102 14.09 17.97 -19.42
N MET A 103 13.63 17.51 -18.26
CA MET A 103 12.23 17.14 -18.15
C MET A 103 11.26 18.30 -18.19
N THR A 104 11.52 19.34 -17.40
CA THR A 104 10.64 20.50 -17.41
C THR A 104 10.67 21.21 -18.78
N GLY A 105 11.86 21.26 -19.38
CA GLY A 105 12.08 21.87 -20.69
C GLY A 105 11.31 21.18 -21.79
N GLU A 106 11.30 19.84 -21.79
CA GLU A 106 10.69 19.07 -22.88
C GLU A 106 9.25 18.67 -22.59
N LEU A 107 8.93 18.35 -21.34
CA LEU A 107 7.57 17.97 -20.99
C LEU A 107 6.74 19.08 -20.37
N GLY A 108 7.37 20.20 -19.99
CA GLY A 108 6.62 21.34 -19.44
C GLY A 108 6.61 21.34 -17.92
N GLY A 109 7.02 20.22 -17.31
CA GLY A 109 6.91 20.06 -15.88
C GLY A 109 6.95 18.62 -15.41
N ILE A 110 6.67 18.44 -14.12
CA ILE A 110 6.73 17.13 -13.46
C ILE A 110 5.66 17.01 -12.38
N ASP A 111 4.92 15.91 -12.43
CA ASP A 111 3.82 15.68 -11.50
C ASP A 111 4.10 14.50 -10.58
N ILE A 112 4.92 13.58 -11.07
CA ILE A 112 5.23 12.31 -10.39
C ILE A 112 6.74 12.09 -10.47
N ALA A 113 7.36 11.73 -9.33
CA ALA A 113 8.79 11.41 -9.34
C ALA A 113 9.02 10.11 -8.58
N VAL A 114 9.61 9.13 -9.24
CA VAL A 114 9.93 7.84 -8.60
C VAL A 114 11.45 7.83 -8.40
N CYS A 115 11.87 7.97 -7.15
CA CYS A 115 13.28 8.00 -6.79
C CYS A 115 13.70 6.57 -6.50
N ASN A 116 14.10 5.90 -7.58
CA ASN A 116 14.24 4.47 -7.55
C ASN A 116 15.67 3.94 -7.73
N ALA A 117 16.58 4.69 -8.32
CA ALA A 117 17.95 4.13 -8.43
C ALA A 117 18.52 3.62 -7.08
N GLY A 118 19.07 2.39 -7.06
CA GLY A 118 19.64 1.73 -5.86
C GLY A 118 20.69 0.66 -6.17
N ILE A 119 21.62 0.42 -5.24
CA ILE A 119 22.70 -0.58 -5.41
C ILE A 119 22.97 -1.38 -4.14
N VAL A 120 23.66 -2.52 -4.31
CA VAL A 120 23.99 -3.40 -3.20
C VAL A 120 25.29 -4.13 -3.47
N SER A 121 26.02 -4.48 -2.40
CA SER A 121 27.15 -5.41 -2.47
C SER A 121 27.10 -6.23 -1.19
N VAL A 122 27.87 -7.32 -1.13
CA VAL A 122 27.84 -8.20 0.03
C VAL A 122 29.21 -8.16 0.66
N GLN A 123 29.25 -7.92 1.98
CA GLN A 123 30.51 -7.70 2.64
C GLN A 123 30.33 -7.66 4.16
N ALA A 124 31.08 -8.50 4.87
CA ALA A 124 31.05 -8.52 6.34
C ALA A 124 31.33 -7.09 6.86
N MET A 125 30.58 -6.65 7.87
CA MET A 125 30.76 -5.31 8.42
C MET A 125 32.19 -5.15 8.96
N LEU A 126 32.70 -6.18 9.61
CA LEU A 126 34.02 -6.08 10.24
C LEU A 126 35.12 -5.81 9.21
N ASP A 127 34.92 -6.29 7.98
CA ASP A 127 35.89 -6.16 6.87
C ASP A 127 35.59 -5.00 5.92
N MET A 128 34.47 -4.32 6.12
CA MET A 128 34.00 -3.34 5.15
C MET A 128 34.80 -2.05 5.11
N PRO A 129 35.46 -1.80 3.97
CA PRO A 129 36.15 -0.51 3.78
C PRO A 129 35.16 0.64 3.86
N LEU A 130 35.62 1.79 4.33
CA LEU A 130 34.72 2.94 4.39
C LEU A 130 34.19 3.30 2.99
N GLU A 131 35.07 3.19 1.98
CA GLU A 131 34.69 3.50 0.60
C GLU A 131 33.45 2.73 0.18
N GLU A 132 33.35 1.45 0.55
CA GLU A 132 32.23 0.60 0.16
C GLU A 132 30.96 0.97 0.95
N PHE A 133 31.14 1.22 2.24
CA PHE A 133 30.02 1.69 3.05
C PHE A 133 29.40 2.93 2.41
N GLN A 134 30.27 3.90 2.14
CA GLN A 134 29.88 5.20 1.58
C GLN A 134 29.29 5.10 0.18
N ARG A 135 29.82 4.20 -0.65
CA ARG A 135 29.32 4.05 -2.02
C ARG A 135 27.84 3.69 -2.04
N ILE A 136 27.45 2.81 -1.12
CA ILE A 136 26.05 2.41 -0.98
C ILE A 136 25.17 3.55 -0.42
N GLN A 137 25.69 4.29 0.55
CA GLN A 137 24.97 5.48 1.03
C GLN A 137 24.78 6.53 -0.06
N ASP A 138 25.81 6.76 -0.88
CA ASP A 138 25.78 7.82 -1.89
CA ASP A 138 25.80 7.80 -1.91
C ASP A 138 24.67 7.59 -2.92
N THR A 139 24.61 6.40 -3.50
CA THR A 139 23.51 6.12 -4.42
C THR A 139 22.16 5.98 -3.70
N ASN A 140 22.14 5.19 -2.64
CA ASN A 140 20.85 4.81 -2.06
C ASN A 140 20.17 5.90 -1.27
N VAL A 141 20.95 6.73 -0.58
CA VAL A 141 20.35 7.77 0.26
C VAL A 141 20.52 9.10 -0.43
N THR A 142 21.78 9.45 -0.72
CA THR A 142 22.05 10.76 -1.30
C THR A 142 21.38 10.94 -2.68
N GLY A 143 21.40 9.90 -3.51
CA GLY A 143 20.73 9.94 -4.80
C GLY A 143 19.22 10.19 -4.66
N VAL A 144 18.61 9.53 -3.68
CA VAL A 144 17.18 9.75 -3.42
C VAL A 144 16.91 11.19 -2.98
N PHE A 145 17.69 11.67 -2.02
CA PHE A 145 17.61 13.05 -1.54
C PHE A 145 17.72 14.06 -2.68
N LEU A 146 18.76 13.95 -3.51
CA LEU A 146 18.95 14.90 -4.61
C LEU A 146 17.81 14.88 -5.62
N THR A 147 17.34 13.68 -5.98
CA THR A 147 16.25 13.53 -6.94
C THR A 147 14.96 14.10 -6.36
N ALA A 148 14.63 13.72 -5.13
CA ALA A 148 13.40 14.11 -4.51
C ALA A 148 13.38 15.63 -4.31
N GLN A 149 14.48 16.19 -3.82
CA GLN A 149 14.59 17.63 -3.65
C GLN A 149 14.39 18.38 -4.97
N ALA A 150 15.09 17.94 -6.03
CA ALA A 150 14.97 18.57 -7.35
C ALA A 150 13.52 18.49 -7.87
N ALA A 151 12.90 17.31 -7.75
CA ALA A 151 11.52 17.13 -8.17
C ALA A 151 10.58 18.00 -7.35
N ALA A 152 10.77 18.01 -6.03
CA ALA A 152 9.94 18.78 -5.13
C ALA A 152 10.04 20.28 -5.44
N ARG A 153 11.25 20.78 -5.66
CA ARG A 153 11.42 22.19 -6.04
C ARG A 153 10.64 22.57 -7.30
N ALA A 154 10.71 21.70 -8.31
CA ALA A 154 9.96 21.93 -9.53
C ALA A 154 8.45 21.90 -9.25
N MET A 155 7.99 20.94 -8.44
CA MET A 155 6.57 20.89 -8.05
C MET A 155 6.07 22.12 -7.25
N VAL A 156 6.88 22.61 -6.31
CA VAL A 156 6.54 23.84 -5.56
C VAL A 156 6.33 25.01 -6.51
N ASP A 157 7.25 25.16 -7.45
CA ASP A 157 7.19 26.25 -8.44
C ASP A 157 5.93 26.19 -9.27
N GLN A 158 5.53 24.97 -9.65
CA GLN A 158 4.32 24.77 -10.48
C GLN A 158 3.05 25.18 -9.73
N GLY A 159 3.03 24.90 -8.44
CA GLY A 159 1.88 25.22 -7.59
C GLY A 159 0.73 24.24 -7.70
N LEU A 160 0.97 23.07 -8.28
CA LEU A 160 -0.12 22.14 -8.56
C LEU A 160 -0.10 20.87 -7.68
N GLY A 161 0.74 20.84 -6.66
CA GLY A 161 0.92 19.60 -5.87
C GLY A 161 1.67 18.57 -6.69
N GLY A 162 1.65 17.32 -6.23
CA GLY A 162 2.42 16.29 -6.91
C GLY A 162 2.57 15.09 -6.00
N THR A 163 3.29 14.09 -6.49
CA THR A 163 3.51 12.86 -5.74
C THR A 163 4.94 12.38 -5.98
N ILE A 164 5.60 12.01 -4.88
CA ILE A 164 6.95 11.52 -4.92
C ILE A 164 6.97 10.16 -4.24
N ILE A 165 7.61 9.20 -4.89
CA ILE A 165 7.69 7.83 -4.40
C ILE A 165 9.18 7.46 -4.32
N THR A 166 9.58 6.84 -3.21
CA THR A 166 10.95 6.38 -3.07
C THR A 166 10.95 4.87 -3.02
N THR A 167 11.97 4.25 -3.58
CA THR A 167 12.11 2.81 -3.43
C THR A 167 13.02 2.58 -2.24
N ALA A 168 12.43 2.12 -1.14
CA ALA A 168 13.19 1.71 0.03
C ALA A 168 13.42 0.21 -0.10
N SER A 169 13.11 -0.56 0.95
CA SER A 169 13.32 -2.03 0.98
C SER A 169 12.86 -2.54 2.34
N MET A 170 12.47 -3.81 2.40
CA MET A 170 12.31 -4.45 3.70
C MET A 170 13.62 -4.41 4.50
N SER A 171 14.76 -4.27 3.81
CA SER A 171 16.06 -4.08 4.50
C SER A 171 16.11 -2.82 5.35
N GLY A 172 15.14 -1.91 5.19
CA GLY A 172 15.07 -0.75 6.08
C GLY A 172 14.33 -1.07 7.38
N HIS A 173 13.78 -2.29 7.47
CA HIS A 173 12.98 -2.72 8.63
C HIS A 173 13.61 -3.91 9.35
N ILE A 174 14.20 -4.82 8.58
CA ILE A 174 14.84 -5.99 9.12
C ILE A 174 16.28 -6.10 8.60
N ILE A 175 17.03 -7.04 9.16
CA ILE A 175 18.41 -7.27 8.79
C ILE A 175 18.48 -8.59 8.01
N ASN A 176 18.85 -8.52 6.72
CA ASN A 176 18.94 -9.72 5.89
C ASN A 176 20.02 -10.64 6.44
N ILE A 177 19.75 -11.94 6.33
CA ILE A 177 20.69 -13.01 6.66
C ILE A 177 20.47 -14.08 5.57
N PRO A 178 21.50 -14.87 5.23
CA PRO A 178 22.82 -14.87 5.81
C PRO A 178 23.79 -13.87 5.16
N GLN A 179 23.45 -13.30 3.99
CA GLN A 179 24.35 -12.33 3.37
C GLN A 179 24.53 -11.09 4.26
N GLN A 180 25.73 -10.54 4.27
CA GLN A 180 26.07 -9.45 5.16
C GLN A 180 25.97 -8.15 4.38
N VAL A 181 24.92 -7.37 4.68
CA VAL A 181 24.61 -6.17 3.91
C VAL A 181 24.25 -5.01 4.85
N SER A 182 25.06 -4.81 5.89
CA SER A 182 24.78 -3.80 6.90
C SER A 182 24.69 -2.40 6.28
N HIS A 183 25.51 -2.15 5.27
CA HIS A 183 25.53 -0.83 4.64
C HIS A 183 24.22 -0.59 3.87
N TYR A 184 23.76 -1.63 3.16
CA TYR A 184 22.46 -1.60 2.48
C TYR A 184 21.30 -1.38 3.45
N CYS A 185 21.27 -2.13 4.55
CA CYS A 185 20.21 -1.99 5.56
C CYS A 185 20.20 -0.56 6.11
N THR A 186 21.38 -0.03 6.43
CA THR A 186 21.51 1.34 6.93
C THR A 186 20.91 2.34 5.93
N SER A 187 21.28 2.19 4.67
CA SER A 187 20.83 3.12 3.64
C SER A 187 19.31 3.11 3.42
N LYS A 188 18.70 1.92 3.51
CA LYS A 188 17.26 1.83 3.26
C LYS A 188 16.40 2.26 4.45
N ALA A 189 16.91 2.08 5.68
CA ALA A 189 16.27 2.69 6.83
C ALA A 189 16.32 4.22 6.67
N ALA A 190 17.47 4.73 6.24
CA ALA A 190 17.59 6.16 5.97
C ALA A 190 16.52 6.61 4.96
N VAL A 191 16.34 5.85 3.86
CA VAL A 191 15.39 6.24 2.81
C VAL A 191 13.98 6.27 3.39
N VAL A 192 13.64 5.25 4.18
CA VAL A 192 12.30 5.17 4.79
C VAL A 192 12.02 6.45 5.58
N HIS A 193 12.97 6.86 6.43
CA HIS A 193 12.70 8.02 7.31
C HIS A 193 12.88 9.34 6.59
N LEU A 194 13.78 9.42 5.62
CA LEU A 194 13.88 10.64 4.79
C LEU A 194 12.56 10.91 4.07
N THR A 195 11.92 9.85 3.58
CA THR A 195 10.60 9.94 2.95
C THR A 195 9.59 10.66 3.85
N LYS A 196 9.53 10.25 5.12
CA LYS A 196 8.61 10.88 6.07
C LYS A 196 8.98 12.33 6.35
N ALA A 197 10.27 12.60 6.47
CA ALA A 197 10.75 13.98 6.73
C ALA A 197 10.32 14.90 5.58
N MET A 198 10.44 14.41 4.34
CA MET A 198 10.04 15.20 3.18
C MET A 198 8.53 15.35 3.12
N ALA A 199 7.81 14.28 3.46
CA ALA A 199 6.34 14.35 3.50
C ALA A 199 5.84 15.46 4.41
N VAL A 200 6.45 15.56 5.59
CA VAL A 200 6.03 16.59 6.57
C VAL A 200 6.28 17.99 5.98
N GLU A 201 7.44 18.17 5.38
CA GLU A 201 7.79 19.51 4.90
C GLU A 201 7.02 19.90 3.64
N LEU A 202 6.65 18.92 2.85
CA LEU A 202 6.01 19.18 1.56
C LEU A 202 4.48 19.18 1.60
N ALA A 203 3.91 18.68 2.70
CA ALA A 203 2.46 18.61 2.84
C ALA A 203 1.75 19.96 2.60
N PRO A 204 2.30 21.07 3.14
CA PRO A 204 1.67 22.38 2.86
C PRO A 204 1.59 22.70 1.35
N HIS A 205 2.43 22.03 0.55
CA HIS A 205 2.42 22.23 -0.90
C HIS A 205 1.57 21.23 -1.65
N GLN A 206 0.90 20.36 -0.88
CA GLN A 206 0.11 19.24 -1.42
C GLN A 206 0.95 18.31 -2.31
N ILE A 207 2.22 18.17 -1.91
CA ILE A 207 3.11 17.19 -2.51
C ILE A 207 3.21 16.03 -1.54
N ARG A 208 2.72 14.87 -1.97
CA ARG A 208 2.72 13.66 -1.15
C ARG A 208 4.01 12.90 -1.37
N VAL A 209 4.52 12.29 -0.30
CA VAL A 209 5.78 11.56 -0.38
C VAL A 209 5.63 10.23 0.36
N ASN A 210 5.86 9.11 -0.32
CA ASN A 210 5.65 7.78 0.28
C ASN A 210 6.76 6.84 -0.13
N SER A 211 7.00 5.79 0.65
CA SER A 211 8.02 4.81 0.27
C SER A 211 7.40 3.43 0.05
N VAL A 212 7.98 2.70 -0.91
CA VAL A 212 7.68 1.29 -1.11
C VAL A 212 8.86 0.48 -0.60
N SER A 213 8.60 -0.55 0.19
CA SER A 213 9.65 -1.38 0.77
C SER A 213 9.50 -2.84 0.28
N PRO A 214 10.09 -3.15 -0.89
CA PRO A 214 9.93 -4.49 -1.45
C PRO A 214 10.72 -5.52 -0.66
N GLY A 215 10.23 -6.76 -0.70
CA GLY A 215 11.01 -7.91 -0.21
C GLY A 215 11.96 -8.38 -1.30
N TYR A 216 12.21 -9.68 -1.36
CA TYR A 216 13.10 -10.20 -2.41
C TYR A 216 12.37 -10.29 -3.74
N ILE A 217 12.84 -9.51 -4.70
CA ILE A 217 12.21 -9.47 -6.02
C ILE A 217 13.26 -9.96 -7.02
N ARG A 218 12.85 -10.88 -7.89
CA ARG A 218 13.76 -11.44 -8.91
CA ARG A 218 13.77 -11.45 -8.89
C ARG A 218 13.98 -10.42 -10.00
N THR A 219 15.06 -9.63 -9.87
CA THR A 219 15.43 -8.56 -10.81
C THR A 219 16.94 -8.59 -10.94
N GLU A 220 17.49 -7.62 -11.68
CA GLU A 220 18.95 -7.51 -11.88
C GLU A 220 19.71 -7.17 -10.57
N LEU A 221 19.10 -6.37 -9.69
CA LEU A 221 19.71 -6.03 -8.39
C LEU A 221 20.20 -7.25 -7.62
N VAL A 222 19.40 -8.32 -7.64
CA VAL A 222 19.69 -9.53 -6.86
C VAL A 222 20.31 -10.71 -7.64
N GLU A 223 20.29 -10.64 -8.98
CA GLU A 223 20.94 -11.66 -9.87
C GLU A 223 22.35 -12.11 -9.42
N PRO A 224 23.26 -11.16 -9.10
CA PRO A 224 24.57 -11.53 -8.51
C PRO A 224 24.48 -12.37 -7.23
N LEU A 225 23.36 -12.29 -6.52
CA LEU A 225 23.16 -13.03 -5.27
C LEU A 225 22.35 -14.31 -5.48
N ALA A 226 22.41 -14.89 -6.69
CA ALA A 226 21.66 -16.09 -7.03
C ALA A 226 21.93 -17.25 -6.06
N ASP A 227 23.17 -17.37 -5.58
CA ASP A 227 23.55 -18.41 -4.61
C ASP A 227 22.70 -18.37 -3.33
N TYR A 228 22.09 -17.22 -3.06
CA TYR A 228 21.28 -17.03 -1.84
C TYR A 228 19.79 -17.35 -2.02
N HIS A 229 19.32 -17.34 -3.27
CA HIS A 229 17.88 -17.48 -3.58
C HIS A 229 17.22 -18.64 -2.86
N ALA A 230 17.89 -19.79 -2.88
CA ALA A 230 17.36 -21.02 -2.31
C ALA A 230 17.37 -20.97 -0.79
N LEU A 231 18.23 -20.13 -0.22
CA LEU A 231 18.24 -19.89 1.22
C LEU A 231 17.17 -18.86 1.62
N TRP A 232 16.85 -17.93 0.71
CA TRP A 232 15.82 -16.93 1.02
C TRP A 232 14.41 -17.49 0.99
N GLU A 233 14.15 -18.39 0.03
CA GLU A 233 12.78 -18.84 -0.23
C GLU A 233 12.02 -19.43 0.96
N PRO A 234 12.67 -20.30 1.77
CA PRO A 234 11.97 -20.85 2.95
C PRO A 234 11.62 -19.77 3.99
N LYS A 235 12.29 -18.62 3.91
CA LYS A 235 12.05 -17.50 4.84
C LYS A 235 10.84 -16.63 4.42
N ILE A 236 10.32 -16.88 3.23
CA ILE A 236 9.23 -16.04 2.71
C ILE A 236 7.93 -16.84 2.81
N PRO A 237 6.99 -16.38 3.64
CA PRO A 237 5.74 -17.13 3.80
C PRO A 237 5.03 -17.50 2.48
N LEU A 238 5.01 -16.60 1.50
CA LEU A 238 4.41 -16.96 0.18
C LEU A 238 5.23 -17.97 -0.63
N GLY A 239 6.45 -18.27 -0.19
CA GLY A 239 7.20 -19.42 -0.71
C GLY A 239 8.01 -19.14 -1.95
N ARG A 240 8.12 -17.87 -2.32
CA ARG A 240 8.79 -17.49 -3.57
C ARG A 240 9.23 -16.06 -3.53
N MET A 241 10.22 -15.74 -4.35
CA MET A 241 10.60 -14.36 -4.62
C MET A 241 9.51 -13.70 -5.46
N GLY A 242 9.38 -12.38 -5.32
CA GLY A 242 8.43 -11.62 -6.10
C GLY A 242 8.94 -11.38 -7.51
N ARG A 243 8.02 -10.98 -8.39
CA ARG A 243 8.36 -10.57 -9.76
C ARG A 243 8.21 -9.05 -9.83
N PRO A 244 9.05 -8.38 -10.65
CA PRO A 244 8.95 -6.91 -10.73
C PRO A 244 7.56 -6.41 -11.21
N GLU A 245 6.85 -7.23 -12.00
CA GLU A 245 5.48 -6.90 -12.42
C GLU A 245 4.54 -6.84 -11.25
N GLU A 246 4.92 -7.47 -10.13
CA GLU A 246 4.07 -7.44 -8.91
C GLU A 246 4.20 -6.15 -8.08
N LEU A 247 5.02 -5.22 -8.57
CA LEU A 247 5.18 -3.93 -7.94
C LEU A 247 4.44 -2.81 -8.66
N THR A 248 4.07 -3.05 -9.91
CA THR A 248 3.43 -2.00 -10.72
C THR A 248 2.10 -1.46 -10.14
N GLY A 249 1.25 -2.36 -9.62
CA GLY A 249 -0.02 -1.93 -9.04
C GLY A 249 0.19 -0.92 -7.92
N LEU A 250 1.17 -1.17 -7.07
CA LEU A 250 1.44 -0.32 -5.91
C LEU A 250 2.04 1.02 -6.34
N TYR A 251 3.04 1.01 -7.22
CA TYR A 251 3.59 2.27 -7.72
C TYR A 251 2.54 3.07 -8.47
N LEU A 252 1.63 2.40 -9.18
CA LEU A 252 0.50 3.09 -9.83
C LEU A 252 -0.42 3.72 -8.78
N TYR A 253 -0.79 2.94 -7.77
CA TYR A 253 -1.59 3.45 -6.68
C TYR A 253 -1.00 4.78 -6.14
N LEU A 254 0.29 4.77 -5.79
CA LEU A 254 0.96 5.93 -5.19
C LEU A 254 1.14 7.12 -6.14
N ALA A 255 1.21 6.84 -7.45
CA ALA A 255 1.42 7.90 -8.41
C ALA A 255 0.12 8.61 -8.79
N SER A 256 -1.01 7.99 -8.49
CA SER A 256 -2.30 8.44 -9.01
C SER A 256 -3.17 9.05 -7.92
N ALA A 257 -4.33 9.60 -8.32
CA ALA A 257 -5.30 10.12 -7.38
C ALA A 257 -5.86 9.08 -6.39
N ALA A 258 -5.68 7.79 -6.69
CA ALA A 258 -6.16 6.73 -5.78
C ALA A 258 -5.55 6.87 -4.38
N SER A 259 -4.37 7.50 -4.30
CA SER A 259 -3.62 7.66 -3.04
C SER A 259 -3.65 9.09 -2.50
N SER A 260 -4.66 9.87 -2.92
CA SER A 260 -4.77 11.29 -2.56
C SER A 260 -4.63 11.61 -1.05
N TYR A 261 -5.00 10.69 -0.16
CA TYR A 261 -4.92 10.99 1.26
C TYR A 261 -3.69 10.39 1.93
N MET A 262 -2.83 9.74 1.17
CA MET A 262 -1.68 9.06 1.74
C MET A 262 -0.41 9.89 1.55
N THR A 263 0.20 10.28 2.68
CA THR A 263 1.56 10.88 2.63
C THR A 263 2.35 10.44 3.87
N GLY A 264 3.67 10.28 3.73
CA GLY A 264 4.49 9.86 4.85
C GLY A 264 4.32 8.39 5.22
N SER A 265 3.75 7.58 4.32
CA SER A 265 3.57 6.16 4.60
C SER A 265 4.70 5.36 3.97
N ASP A 266 5.10 4.31 4.68
CA ASP A 266 5.90 3.24 4.05
C ASP A 266 5.03 2.02 3.79
N ILE A 267 5.23 1.37 2.64
CA ILE A 267 4.43 0.21 2.29
C ILE A 267 5.31 -0.99 1.96
N VAL A 268 5.23 -1.99 2.82
CA VAL A 268 6.00 -3.22 2.69
C VAL A 268 5.29 -4.13 1.69
N ILE A 269 6.06 -4.71 0.79
CA ILE A 269 5.51 -5.67 -0.17
C ILE A 269 6.54 -6.79 -0.33
N ASP A 270 6.39 -7.82 0.50
CA ASP A 270 7.49 -8.75 0.78
C ASP A 270 7.13 -10.22 0.92
N GLY A 271 5.92 -10.60 0.50
CA GLY A 271 5.51 -12.02 0.62
C GLY A 271 5.38 -12.52 2.06
N GLY A 272 5.32 -11.60 3.01
CA GLY A 272 5.24 -11.91 4.44
C GLY A 272 6.55 -11.95 5.22
N TYR A 273 7.66 -11.67 4.55
CA TYR A 273 8.99 -11.85 5.14
C TYR A 273 9.19 -11.18 6.52
N THR A 274 8.69 -9.95 6.68
CA THR A 274 8.89 -9.18 7.92
C THR A 274 7.98 -9.63 9.05
N CYS A 275 7.07 -10.60 8.82
CA CYS A 275 6.16 -10.98 9.91
C CYS A 275 6.82 -11.83 11.01
N PRO A 276 7.51 -12.93 10.64
CA PRO A 276 8.19 -13.76 11.66
C PRO A 276 9.38 -13.02 12.30
N MET B 22 -3.16 -7.49 -21.58
CA MET B 22 -2.59 -7.44 -20.20
C MET B 22 -1.89 -6.10 -19.97
N SER B 23 -2.41 -5.32 -19.03
CA SER B 23 -1.79 -4.07 -18.62
C SER B 23 -2.00 -3.93 -17.11
N VAL B 24 -1.24 -3.04 -16.48
CA VAL B 24 -1.39 -2.78 -15.05
C VAL B 24 -2.86 -2.57 -14.61
N LEU B 25 -3.64 -1.81 -15.37
CA LEU B 25 -5.03 -1.52 -14.98
C LEU B 25 -5.88 -2.80 -14.86
N ASP B 26 -5.53 -3.84 -15.61
CA ASP B 26 -6.26 -5.13 -15.56
C ASP B 26 -6.08 -5.87 -14.23
N LEU B 27 -4.97 -5.60 -13.55
CA LEU B 27 -4.69 -6.20 -12.26
C LEU B 27 -5.74 -5.82 -11.21
N PHE B 28 -6.47 -4.73 -11.45
CA PHE B 28 -7.46 -4.21 -10.48
C PHE B 28 -8.89 -4.72 -10.71
N ASP B 29 -9.09 -5.46 -11.78
CA ASP B 29 -10.40 -6.00 -12.15
C ASP B 29 -10.87 -7.08 -11.18
N LEU B 30 -12.08 -6.94 -10.65
CA LEU B 30 -12.65 -7.93 -9.73
C LEU B 30 -13.75 -8.78 -10.38
N SER B 31 -13.85 -8.76 -11.71
CA SER B 31 -14.88 -9.55 -12.40
C SER B 31 -14.78 -11.02 -12.00
N GLY B 32 -15.92 -11.62 -11.66
CA GLY B 32 -15.98 -13.02 -11.27
C GLY B 32 -15.58 -13.29 -9.82
N LYS B 33 -15.22 -12.24 -9.09
CA LYS B 33 -14.81 -12.42 -7.69
C LYS B 33 -16.00 -12.17 -6.78
N ARG B 34 -16.00 -12.83 -5.63
CA ARG B 34 -17.09 -12.77 -4.68
C ARG B 34 -16.54 -12.20 -3.38
N ALA B 35 -17.05 -11.03 -2.99
CA ALA B 35 -16.49 -10.27 -1.86
C ALA B 35 -17.50 -10.15 -0.72
N LEU B 36 -17.02 -10.29 0.51
CA LEU B 36 -17.80 -10.03 1.70
C LEU B 36 -17.26 -8.80 2.42
N ILE B 37 -18.14 -7.90 2.83
CA ILE B 37 -17.74 -6.70 3.60
C ILE B 37 -18.63 -6.63 4.82
N THR B 38 -18.02 -6.71 6.01
CA THR B 38 -18.77 -6.47 7.25
C THR B 38 -18.76 -4.98 7.54
N GLY B 39 -19.68 -4.52 8.41
CA GLY B 39 -19.84 -3.10 8.70
C GLY B 39 -20.05 -2.28 7.42
N ALA B 40 -20.86 -2.83 6.50
CA ALA B 40 -20.95 -2.27 5.16
C ALA B 40 -22.00 -1.17 5.03
N SER B 41 -22.74 -0.87 6.11
CA SER B 41 -23.88 0.02 5.99
C SER B 41 -23.55 1.50 5.94
N THR B 42 -22.37 1.88 6.43
CA THR B 42 -22.00 3.29 6.46
C THR B 42 -20.50 3.45 6.28
N GLY B 43 -20.05 4.70 6.11
CA GLY B 43 -18.63 5.05 6.10
C GLY B 43 -17.74 4.30 5.11
N ILE B 44 -16.60 3.85 5.60
CA ILE B 44 -15.60 3.18 4.76
C ILE B 44 -16.21 1.93 4.13
N GLY B 45 -16.90 1.10 4.91
CA GLY B 45 -17.43 -0.18 4.41
C GLY B 45 -18.37 0.01 3.22
N LYS B 46 -19.21 1.03 3.33
CA LYS B 46 -20.17 1.35 2.25
C LYS B 46 -19.47 1.79 0.96
N LYS B 47 -18.50 2.70 1.06
CA LYS B 47 -17.75 3.12 -0.11
C LYS B 47 -16.98 1.97 -0.75
N VAL B 48 -16.40 1.12 0.10
CA VAL B 48 -15.63 -0.02 -0.39
C VAL B 48 -16.55 -1.02 -1.10
N ALA B 49 -17.73 -1.26 -0.53
CA ALA B 49 -18.70 -2.13 -1.18
C ALA B 49 -19.03 -1.66 -2.60
N LEU B 50 -19.35 -0.38 -2.71
CA LEU B 50 -19.70 0.22 -4.00
C LEU B 50 -18.51 0.13 -4.97
N ALA B 51 -17.32 0.47 -4.47
CA ALA B 51 -16.11 0.39 -5.33
C ALA B 51 -15.86 -1.04 -5.83
N TYR B 52 -16.10 -2.04 -4.98
CA TYR B 52 -15.88 -3.43 -5.40
C TYR B 52 -16.90 -3.84 -6.48
N ALA B 53 -18.14 -3.38 -6.33
CA ALA B 53 -19.16 -3.61 -7.37
C ALA B 53 -18.81 -2.87 -8.67
N GLU B 54 -18.34 -1.63 -8.59
CA GLU B 54 -17.89 -0.91 -9.79
C GLU B 54 -16.74 -1.66 -10.47
N ALA B 55 -15.92 -2.36 -9.69
CA ALA B 55 -14.79 -3.11 -10.25
C ALA B 55 -15.16 -4.51 -10.74
N GLY B 56 -16.44 -4.88 -10.63
CA GLY B 56 -16.95 -6.14 -11.22
C GLY B 56 -17.27 -7.25 -10.24
N ALA B 57 -16.99 -7.04 -8.97
CA ALA B 57 -17.26 -8.07 -7.95
C ALA B 57 -18.74 -8.22 -7.66
N GLN B 58 -19.12 -9.45 -7.29
CA GLN B 58 -20.40 -9.71 -6.61
C GLN B 58 -20.15 -9.46 -5.13
N VAL B 59 -21.00 -8.67 -4.47
CA VAL B 59 -20.69 -8.15 -3.13
C VAL B 59 -21.75 -8.53 -2.09
N ALA B 60 -21.33 -9.25 -1.06
CA ALA B 60 -22.16 -9.47 0.11
C ALA B 60 -21.85 -8.38 1.12
N VAL B 61 -22.89 -7.68 1.57
CA VAL B 61 -22.75 -6.56 2.54
C VAL B 61 -23.40 -6.99 3.84
N ALA B 62 -22.67 -6.89 4.94
CA ALA B 62 -23.18 -7.34 6.25
C ALA B 62 -23.19 -6.21 7.27
N ALA B 63 -24.19 -6.24 8.16
CA ALA B 63 -24.33 -5.27 9.23
C ALA B 63 -25.20 -5.91 10.30
N ARG B 64 -25.16 -5.38 11.51
CA ARG B 64 -26.00 -5.93 12.59
C ARG B 64 -27.51 -5.69 12.37
N HIS B 65 -27.85 -4.60 11.69
CA HIS B 65 -29.24 -4.25 11.38
C HIS B 65 -29.47 -4.33 9.89
N SER B 66 -30.31 -5.28 9.47
CA SER B 66 -30.43 -5.53 8.03
C SER B 66 -31.02 -4.35 7.26
N ASP B 67 -31.91 -3.57 7.89
CA ASP B 67 -32.56 -2.42 7.21
C ASP B 67 -31.57 -1.31 6.87
N ALA B 68 -30.53 -1.17 7.70
CA ALA B 68 -29.43 -0.22 7.44
C ALA B 68 -28.65 -0.51 6.14
N LEU B 69 -28.75 -1.74 5.63
CA LEU B 69 -28.03 -2.11 4.40
C LEU B 69 -28.75 -1.68 3.12
N GLN B 70 -29.98 -1.16 3.25
CA GLN B 70 -30.73 -0.75 2.07
C GLN B 70 -30.02 0.34 1.21
N VAL B 71 -29.45 1.34 1.87
CA VAL B 71 -28.77 2.42 1.13
C VAL B 71 -27.62 1.87 0.25
N VAL B 72 -26.71 1.10 0.83
CA VAL B 72 -25.62 0.54 0.03
C VAL B 72 -26.12 -0.42 -1.05
N ALA B 73 -27.13 -1.23 -0.73
CA ALA B 73 -27.69 -2.17 -1.68
C ALA B 73 -28.29 -1.43 -2.89
N ASP B 74 -28.93 -0.29 -2.63
CA ASP B 74 -29.48 0.57 -3.68
C ASP B 74 -28.39 1.23 -4.51
N GLU B 75 -27.30 1.65 -3.86
CA GLU B 75 -26.19 2.27 -4.58
C GLU B 75 -25.53 1.23 -5.52
N ILE B 76 -25.40 -0.01 -5.04
CA ILE B 76 -24.86 -1.10 -5.84
C ILE B 76 -25.79 -1.44 -7.02
N ALA B 77 -27.09 -1.50 -6.77
CA ALA B 77 -28.09 -1.57 -7.84
C ALA B 77 -27.84 -0.49 -8.90
N GLY B 78 -27.56 0.73 -8.44
CA GLY B 78 -27.29 1.88 -9.30
C GLY B 78 -26.08 1.82 -10.24
N VAL B 79 -25.08 0.98 -9.93
CA VAL B 79 -23.98 0.72 -10.85
C VAL B 79 -24.16 -0.63 -11.56
N GLY B 80 -25.37 -1.17 -11.47
CA GLY B 80 -25.70 -2.45 -12.10
C GLY B 80 -25.30 -3.73 -11.36
N GLY B 81 -24.89 -3.62 -10.10
CA GLY B 81 -24.68 -4.82 -9.30
C GLY B 81 -25.96 -5.19 -8.57
N LYS B 82 -26.01 -6.39 -8.01
CA LYS B 82 -27.02 -6.74 -7.01
C LYS B 82 -26.25 -7.18 -5.75
N ALA B 83 -26.43 -6.44 -4.67
CA ALA B 83 -25.78 -6.78 -3.42
C ALA B 83 -26.50 -7.96 -2.77
N LEU B 84 -25.79 -8.76 -1.98
CA LEU B 84 -26.42 -9.74 -1.11
C LEU B 84 -26.36 -9.20 0.31
N PRO B 85 -27.50 -8.67 0.82
CA PRO B 85 -27.47 -8.20 2.21
C PRO B 85 -27.52 -9.36 3.22
N ILE B 86 -26.66 -9.29 4.24
CA ILE B 86 -26.61 -10.33 5.27
C ILE B 86 -26.59 -9.68 6.66
N ARG B 87 -27.56 -10.06 7.49
CA ARG B 87 -27.60 -9.58 8.84
C ARG B 87 -26.63 -10.42 9.65
N CYS B 88 -25.73 -9.77 10.37
CA CYS B 88 -24.76 -10.50 11.18
C CYS B 88 -24.21 -9.65 12.29
N ASP B 89 -24.23 -10.18 13.50
CA ASP B 89 -23.46 -9.64 14.60
C ASP B 89 -22.10 -10.34 14.61
N VAL B 90 -21.04 -9.62 14.22
CA VAL B 90 -19.72 -10.27 14.00
C VAL B 90 -19.08 -10.81 15.29
N THR B 91 -19.64 -10.46 16.45
CA THR B 91 -19.16 -10.98 17.72
C THR B 91 -19.71 -12.38 18.03
N GLN B 92 -20.63 -12.89 17.19
CA GLN B 92 -21.34 -14.14 17.51
C GLN B 92 -20.96 -15.28 16.56
N PRO B 93 -20.26 -16.31 17.07
CA PRO B 93 -19.70 -17.33 16.16
C PRO B 93 -20.72 -18.02 15.27
N ASP B 94 -21.92 -18.28 15.81
CA ASP B 94 -22.97 -18.91 15.00
C ASP B 94 -23.51 -17.99 13.89
N GLN B 95 -23.63 -16.70 14.16
CA GLN B 95 -24.08 -15.76 13.12
C GLN B 95 -23.03 -15.54 12.02
N VAL B 96 -21.77 -15.48 12.44
CA VAL B 96 -20.65 -15.40 11.48
C VAL B 96 -20.63 -16.63 10.57
N ARG B 97 -20.76 -17.82 11.16
CA ARG B 97 -20.84 -19.08 10.40
C ARG B 97 -21.99 -19.04 9.42
N GLY B 98 -23.13 -18.50 9.87
CA GLY B 98 -24.32 -18.34 9.04
C GLY B 98 -24.14 -17.37 7.87
N MET B 99 -23.48 -16.24 8.15
CA MET B 99 -23.05 -15.29 7.11
C MET B 99 -22.23 -15.94 6.00
N LEU B 100 -21.26 -16.76 6.38
CA LEU B 100 -20.43 -17.44 5.38
C LEU B 100 -21.24 -18.51 4.64
N ASP B 101 -22.16 -19.15 5.36
CA ASP B 101 -23.04 -20.17 4.75
C ASP B 101 -23.94 -19.52 3.68
N GLN B 102 -24.58 -18.41 4.04
CA GLN B 102 -25.38 -17.62 3.10
C GLN B 102 -24.59 -17.20 1.87
N MET B 103 -23.39 -16.68 2.09
CA MET B 103 -22.60 -16.21 0.98
C MET B 103 -22.14 -17.34 0.05
N THR B 104 -21.60 -18.41 0.62
CA THR B 104 -21.25 -19.63 -0.13
C THR B 104 -22.47 -20.22 -0.86
N GLY B 105 -23.58 -20.34 -0.12
CA GLY B 105 -24.84 -20.86 -0.66
C GLY B 105 -25.39 -20.06 -1.81
N GLU B 106 -25.38 -18.73 -1.68
CA GLU B 106 -25.99 -17.84 -2.68
C GLU B 106 -25.03 -17.42 -3.79
N LEU B 107 -23.77 -17.20 -3.46
CA LEU B 107 -22.79 -16.74 -4.46
C LEU B 107 -21.85 -17.84 -4.96
N GLY B 108 -21.84 -18.99 -4.29
CA GLY B 108 -21.00 -20.12 -4.69
C GLY B 108 -19.67 -20.20 -3.94
N GLY B 109 -19.33 -19.15 -3.18
CA GLY B 109 -18.06 -19.12 -2.45
C GLY B 109 -17.61 -17.69 -2.14
N ILE B 110 -16.34 -17.53 -1.77
CA ILE B 110 -15.81 -16.24 -1.33
C ILE B 110 -14.34 -16.13 -1.73
N ASP B 111 -13.99 -15.00 -2.33
CA ASP B 111 -12.62 -14.74 -2.77
C ASP B 111 -11.95 -13.62 -1.99
N ILE B 112 -12.78 -12.74 -1.42
CA ILE B 112 -12.33 -11.51 -0.77
C ILE B 112 -13.19 -11.34 0.48
N ALA B 113 -12.55 -11.09 1.62
CA ALA B 113 -13.27 -10.68 2.83
C ALA B 113 -12.68 -9.40 3.39
N VAL B 114 -13.54 -8.42 3.71
CA VAL B 114 -13.10 -7.18 4.37
C VAL B 114 -13.74 -7.16 5.77
N CYS B 115 -12.90 -7.26 6.80
CA CYS B 115 -13.38 -7.37 8.18
C CYS B 115 -13.31 -5.97 8.71
N ASN B 116 -14.41 -5.25 8.52
CA ASN B 116 -14.40 -3.81 8.64
C ASN B 116 -15.19 -3.29 9.83
N ALA B 117 -16.17 -4.07 10.31
CA ALA B 117 -17.04 -3.62 11.41
C ALA B 117 -16.18 -3.22 12.62
N GLY B 118 -16.39 -1.99 13.12
CA GLY B 118 -15.64 -1.46 14.27
C GLY B 118 -16.43 -0.42 15.06
N ILE B 119 -16.11 -0.25 16.33
CA ILE B 119 -16.81 0.70 17.16
C ILE B 119 -15.86 1.49 18.05
N VAL B 120 -16.37 2.56 18.64
CA VAL B 120 -15.56 3.46 19.46
C VAL B 120 -16.44 4.20 20.46
N SER B 121 -15.85 4.56 21.59
CA SER B 121 -16.48 5.46 22.52
C SER B 121 -15.33 6.25 23.14
N VAL B 122 -15.67 7.32 23.83
CA VAL B 122 -14.66 8.15 24.48
C VAL B 122 -14.83 8.05 26.01
N GLN B 123 -13.77 7.67 26.70
CA GLN B 123 -13.83 7.48 28.14
C GLN B 123 -12.41 7.44 28.70
N ALA B 124 -12.16 8.25 29.72
CA ALA B 124 -10.86 8.23 30.41
C ALA B 124 -10.55 6.81 30.89
N MET B 125 -9.34 6.33 30.62
CA MET B 125 -8.90 5.02 31.11
C MET B 125 -9.15 4.84 32.61
N LEU B 126 -8.87 5.89 33.39
CA LEU B 126 -8.94 5.80 34.86
C LEU B 126 -10.32 5.41 35.34
N ASP B 127 -11.34 5.88 34.61
CA ASP B 127 -12.76 5.73 34.94
C ASP B 127 -13.48 4.66 34.09
N MET B 128 -12.77 4.01 33.18
CA MET B 128 -13.42 3.13 32.22
C MET B 128 -13.93 1.85 32.87
N PRO B 129 -15.26 1.64 32.84
CA PRO B 129 -15.81 0.36 33.34
C PRO B 129 -15.28 -0.81 32.51
N LEU B 130 -15.14 -1.98 33.11
CA LEU B 130 -14.68 -3.15 32.38
C LEU B 130 -15.60 -3.49 31.19
N GLU B 131 -16.92 -3.36 31.38
CA GLU B 131 -17.89 -3.65 30.31
C GLU B 131 -17.55 -2.84 29.06
N GLU B 132 -17.18 -1.58 29.25
CA GLU B 132 -16.89 -0.70 28.15
C GLU B 132 -15.57 -1.05 27.46
N PHE B 133 -14.53 -1.32 28.25
CA PHE B 133 -13.28 -1.84 27.72
C PHE B 133 -13.56 -3.10 26.87
N GLN B 134 -14.29 -4.07 27.46
CA GLN B 134 -14.56 -5.36 26.80
CA GLN B 134 -14.56 -5.35 26.80
C GLN B 134 -15.41 -5.18 25.55
N ARG B 135 -16.40 -4.30 25.62
CA ARG B 135 -17.29 -4.05 24.47
C ARG B 135 -16.50 -3.66 23.22
N ILE B 136 -15.52 -2.77 23.38
CA ILE B 136 -14.72 -2.35 22.23
C ILE B 136 -13.79 -3.48 21.74
N GLN B 137 -13.20 -4.25 22.64
CA GLN B 137 -12.38 -5.41 22.20
C GLN B 137 -13.22 -6.44 21.46
N ASP B 138 -14.43 -6.68 21.96
CA ASP B 138 -15.27 -7.74 21.41
CA ASP B 138 -15.29 -7.72 21.41
C ASP B 138 -15.61 -7.46 19.95
N THR B 139 -16.10 -6.27 19.64
CA THR B 139 -16.36 -5.99 18.23
C THR B 139 -15.06 -5.81 17.44
N ASN B 140 -14.12 -5.03 17.97
CA ASN B 140 -12.98 -4.63 17.12
C ASN B 140 -11.94 -5.71 16.90
N VAL B 141 -11.73 -6.55 17.91
CA VAL B 141 -10.74 -7.62 17.80
C VAL B 141 -11.43 -8.97 17.52
N THR B 142 -12.32 -9.35 18.42
CA THR B 142 -12.97 -10.65 18.32
C THR B 142 -13.82 -10.77 17.06
N GLY B 143 -14.54 -9.70 16.68
CA GLY B 143 -15.31 -9.70 15.43
C GLY B 143 -14.46 -9.87 14.17
N VAL B 144 -13.28 -9.25 14.17
CA VAL B 144 -12.31 -9.41 13.08
C VAL B 144 -11.77 -10.83 13.06
N PHE B 145 -11.37 -11.33 14.23
CA PHE B 145 -10.96 -12.73 14.34
C PHE B 145 -12.03 -13.69 13.79
N LEU B 146 -13.26 -13.59 14.27
CA LEU B 146 -14.29 -14.56 13.83
C LEU B 146 -14.55 -14.47 12.33
N THR B 147 -14.57 -13.25 11.81
CA THR B 147 -14.87 -13.05 10.40
C THR B 147 -13.75 -13.57 9.50
N ALA B 148 -12.52 -13.20 9.83
CA ALA B 148 -11.38 -13.63 9.04
C ALA B 148 -11.23 -15.14 9.12
N GLN B 149 -11.44 -15.70 10.32
CA GLN B 149 -11.34 -17.15 10.53
C GLN B 149 -12.37 -17.89 9.63
N ALA B 150 -13.62 -17.43 9.67
CA ALA B 150 -14.69 -18.07 8.90
C ALA B 150 -14.41 -17.96 7.41
N ALA B 151 -13.96 -16.77 6.96
CA ALA B 151 -13.62 -16.58 5.56
C ALA B 151 -12.45 -17.46 5.12
N ALA B 152 -11.42 -17.51 5.96
CA ALA B 152 -10.23 -18.34 5.70
C ALA B 152 -10.57 -19.83 5.60
N ARG B 153 -11.40 -20.33 6.53
CA ARG B 153 -11.92 -21.72 6.46
CA ARG B 153 -11.89 -21.72 6.45
C ARG B 153 -12.58 -22.00 5.11
N ALA B 154 -13.49 -21.13 4.69
CA ALA B 154 -14.17 -21.32 3.41
C ALA B 154 -13.18 -21.25 2.23
N MET B 155 -12.23 -20.31 2.29
CA MET B 155 -11.20 -20.22 1.24
C MET B 155 -10.28 -21.46 1.17
N VAL B 156 -9.90 -21.98 2.33
CA VAL B 156 -9.11 -23.21 2.40
C VAL B 156 -9.87 -24.35 1.71
N ASP B 157 -11.14 -24.51 2.06
CA ASP B 157 -11.96 -25.54 1.46
C ASP B 157 -12.10 -25.39 -0.04
N GLN B 158 -12.14 -24.15 -0.55
CA GLN B 158 -12.24 -23.91 -2.00
C GLN B 158 -10.97 -24.29 -2.75
N GLY B 159 -9.82 -24.08 -2.12
CA GLY B 159 -8.51 -24.44 -2.69
C GLY B 159 -8.02 -23.50 -3.77
N LEU B 160 -8.53 -22.27 -3.78
CA LEU B 160 -8.26 -21.30 -4.84
C LEU B 160 -7.52 -20.05 -4.34
N GLY B 161 -7.07 -20.08 -3.09
CA GLY B 161 -6.44 -18.90 -2.49
C GLY B 161 -7.50 -17.85 -2.16
N GLY B 162 -7.06 -16.63 -1.87
CA GLY B 162 -8.00 -15.55 -1.58
C GLY B 162 -7.29 -14.38 -0.92
N THR B 163 -8.07 -13.38 -0.54
CA THR B 163 -7.51 -12.16 0.05
C THR B 163 -8.41 -11.70 1.18
N ILE B 164 -7.80 -11.41 2.32
CA ILE B 164 -8.54 -10.94 3.50
C ILE B 164 -7.95 -9.59 3.92
N ILE B 165 -8.83 -8.63 4.21
CA ILE B 165 -8.41 -7.27 4.49
C ILE B 165 -9.07 -6.91 5.81
N THR B 166 -8.30 -6.36 6.73
CA THR B 166 -8.87 -5.92 7.99
C THR B 166 -8.79 -4.40 8.06
N THR B 167 -9.77 -3.77 8.69
CA THR B 167 -9.67 -2.34 8.92
C THR B 167 -9.16 -2.12 10.33
N ALA B 168 -7.91 -1.68 10.45
CA ALA B 168 -7.34 -1.30 11.74
C ALA B 168 -7.55 0.21 11.90
N SER B 169 -6.49 0.94 12.18
CA SER B 169 -6.54 2.41 12.39
C SER B 169 -5.15 2.94 12.70
N MET B 170 -4.91 4.21 12.44
CA MET B 170 -3.67 4.82 12.95
C MET B 170 -3.65 4.74 14.49
N SER B 171 -4.83 4.53 15.10
CA SER B 171 -4.93 4.31 16.56
C SER B 171 -4.20 3.06 17.03
N GLY B 172 -3.90 2.15 16.10
CA GLY B 172 -3.05 1.01 16.42
C GLY B 172 -1.56 1.31 16.42
N HIS B 173 -1.17 2.52 16.00
CA HIS B 173 0.25 2.92 15.92
C HIS B 173 0.56 4.08 16.87
N ILE B 174 -0.39 5.02 16.96
CA ILE B 174 -0.26 6.17 17.88
C ILE B 174 -1.42 6.26 18.89
N ILE B 175 -1.33 7.19 19.85
CA ILE B 175 -2.41 7.37 20.84
C ILE B 175 -3.11 8.69 20.54
N ASN B 176 -4.38 8.62 20.13
CA ASN B 176 -5.14 9.88 19.91
C ASN B 176 -5.21 10.73 21.15
N ILE B 177 -5.15 12.05 20.89
CA ILE B 177 -5.37 13.09 21.88
C ILE B 177 -6.17 14.20 21.17
N PRO B 178 -6.95 15.01 21.92
CA PRO B 178 -7.14 14.97 23.38
C PRO B 178 -8.16 13.92 23.85
N GLN B 179 -8.97 13.38 22.93
CA GLN B 179 -9.99 12.40 23.31
C GLN B 179 -9.32 11.13 23.87
N GLN B 180 -9.93 10.59 24.93
CA GLN B 180 -9.37 9.42 25.59
C GLN B 180 -10.07 8.17 25.06
N VAL B 181 -9.31 7.41 24.27
CA VAL B 181 -9.82 6.23 23.61
C VAL B 181 -8.81 5.08 23.76
N SER B 182 -8.33 4.89 24.99
CA SER B 182 -7.30 3.87 25.25
C SER B 182 -7.73 2.44 24.83
N HIS B 183 -9.00 2.10 25.08
CA HIS B 183 -9.57 0.81 24.66
C HIS B 183 -9.58 0.66 23.14
N TYR B 184 -9.90 1.73 22.42
CA TYR B 184 -9.94 1.68 20.96
C TYR B 184 -8.51 1.47 20.42
N CYS B 185 -7.56 2.20 21.00
CA CYS B 185 -6.16 2.13 20.58
C CYS B 185 -5.61 0.72 20.82
N THR B 186 -5.93 0.16 21.97
CA THR B 186 -5.59 -1.20 22.30
C THR B 186 -6.16 -2.17 21.23
N SER B 187 -7.43 -1.95 20.85
CA SER B 187 -8.11 -2.89 19.95
C SER B 187 -7.52 -2.81 18.55
N LYS B 188 -7.09 -1.63 18.14
CA LYS B 188 -6.58 -1.48 16.81
C LYS B 188 -5.14 -2.01 16.62
N ALA B 189 -4.30 -1.91 17.67
CA ALA B 189 -2.98 -2.55 17.62
C ALA B 189 -3.13 -4.05 17.56
N ALA B 190 -4.09 -4.56 18.34
CA ALA B 190 -4.42 -5.98 18.31
C ALA B 190 -4.80 -6.42 16.89
N VAL B 191 -5.64 -5.66 16.21
CA VAL B 191 -6.07 -6.02 14.84
C VAL B 191 -4.87 -6.02 13.91
N VAL B 192 -4.00 -5.02 14.03
CA VAL B 192 -2.80 -4.93 13.17
C VAL B 192 -1.97 -6.22 13.31
N HIS B 193 -1.79 -6.68 14.53
CA HIS B 193 -0.94 -7.84 14.73
C HIS B 193 -1.62 -9.16 14.46
N LEU B 194 -2.90 -9.24 14.79
CA LEU B 194 -3.72 -10.41 14.40
C LEU B 194 -3.65 -10.64 12.89
N THR B 195 -3.70 -9.55 12.14
CA THR B 195 -3.61 -9.62 10.68
C THR B 195 -2.31 -10.31 10.25
N LYS B 196 -1.20 -9.91 10.86
CA LYS B 196 0.07 -10.55 10.55
C LYS B 196 0.12 -12.00 10.98
N ALA B 197 -0.43 -12.29 12.15
CA ALA B 197 -0.44 -13.69 12.65
C ALA B 197 -1.20 -14.59 11.67
N MET B 198 -2.34 -14.10 11.19
CA MET B 198 -3.13 -14.85 10.21
C MET B 198 -2.42 -14.97 8.86
N ALA B 199 -1.75 -13.90 8.43
CA ALA B 199 -1.03 -13.93 7.14
C ALA B 199 0.00 -15.06 7.12
N VAL B 200 0.72 -15.20 8.22
CA VAL B 200 1.76 -16.21 8.33
C VAL B 200 1.16 -17.62 8.23
N GLU B 201 0.08 -17.87 8.97
CA GLU B 201 -0.54 -19.19 8.97
C GLU B 201 -1.27 -19.50 7.68
N LEU B 202 -1.75 -18.47 6.98
CA LEU B 202 -2.56 -18.72 5.78
C LEU B 202 -1.74 -18.66 4.48
N ALA B 203 -0.51 -18.16 4.56
CA ALA B 203 0.36 -18.11 3.40
C ALA B 203 0.50 -19.46 2.64
N PRO B 204 0.62 -20.60 3.36
CA PRO B 204 0.70 -21.88 2.62
C PRO B 204 -0.51 -22.18 1.74
N HIS B 205 -1.64 -21.52 2.04
CA HIS B 205 -2.88 -21.67 1.28
C HIS B 205 -3.08 -20.59 0.23
N GLN B 206 -2.05 -19.76 0.06
CA GLN B 206 -2.08 -18.58 -0.83
C GLN B 206 -3.27 -17.64 -0.52
N ILE B 207 -3.58 -17.54 0.77
CA ILE B 207 -4.58 -16.58 1.22
C ILE B 207 -3.81 -15.43 1.84
N ARG B 208 -3.89 -14.26 1.21
CA ARG B 208 -3.19 -13.09 1.71
C ARG B 208 -4.04 -12.34 2.73
N VAL B 209 -3.38 -11.71 3.70
CA VAL B 209 -4.08 -11.03 4.77
C VAL B 209 -3.31 -9.75 5.06
N ASN B 210 -3.99 -8.62 4.93
CA ASN B 210 -3.34 -7.32 5.11
C ASN B 210 -4.28 -6.39 5.86
N SER B 211 -3.73 -5.35 6.50
CA SER B 211 -4.55 -4.36 7.23
C SER B 211 -4.40 -2.96 6.65
N VAL B 212 -5.49 -2.20 6.74
CA VAL B 212 -5.50 -0.77 6.45
C VAL B 212 -5.66 0.02 7.74
N SER B 213 -4.81 1.03 7.95
CA SER B 213 -4.86 1.86 9.14
C SER B 213 -5.18 3.32 8.76
N PRO B 214 -6.49 3.67 8.66
CA PRO B 214 -6.84 5.04 8.31
C PRO B 214 -6.56 6.05 9.42
N GLY B 215 -6.33 7.30 9.04
CA GLY B 215 -6.33 8.38 10.01
C GLY B 215 -7.76 8.88 10.23
N TYR B 216 -7.92 10.20 10.34
CA TYR B 216 -9.22 10.76 10.61
C TYR B 216 -9.99 10.86 9.31
N ILE B 217 -11.07 10.10 9.23
CA ILE B 217 -11.88 10.02 8.02
C ILE B 217 -13.25 10.59 8.36
N ARG B 218 -13.69 11.59 7.60
CA ARG B 218 -14.98 12.24 7.87
C ARG B 218 -16.09 11.36 7.32
N THR B 219 -16.45 10.34 8.07
CA THR B 219 -17.55 9.44 7.68
C THR B 219 -18.90 10.05 8.06
N TYR B 228 -14.54 18.11 18.01
CA TYR B 228 -13.21 17.51 17.89
C TYR B 228 -12.48 17.85 16.59
N HIS B 229 -13.24 18.00 15.51
CA HIS B 229 -12.69 18.25 14.17
C HIS B 229 -11.68 19.39 14.14
N ALA B 230 -12.04 20.53 14.72
CA ALA B 230 -11.17 21.70 14.75
C ALA B 230 -9.87 21.45 15.55
N LEU B 231 -9.90 20.49 16.48
CA LEU B 231 -8.68 20.13 17.23
C LEU B 231 -7.78 19.16 16.44
N TRP B 232 -8.40 18.30 15.65
CA TRP B 232 -7.64 17.33 14.87
C TRP B 232 -6.95 17.92 13.63
N GLU B 233 -7.65 18.81 12.92
CA GLU B 233 -7.14 19.31 11.64
C GLU B 233 -5.70 19.85 11.70
N PRO B 234 -5.38 20.73 12.68
CA PRO B 234 -4.01 21.28 12.76
C PRO B 234 -2.95 20.21 12.93
N LYS B 235 -3.34 19.05 13.46
CA LYS B 235 -2.40 17.93 13.64
C LYS B 235 -2.14 17.11 12.37
N ILE B 236 -2.92 17.36 11.31
CA ILE B 236 -2.81 16.54 10.09
C ILE B 236 -2.00 17.33 9.06
N PRO B 237 -0.80 16.84 8.68
CA PRO B 237 0.00 17.59 7.69
C PRO B 237 -0.76 18.00 6.40
N LEU B 238 -1.56 17.12 5.81
CA LEU B 238 -2.38 17.52 4.64
C LEU B 238 -3.52 18.52 4.97
N GLY B 239 -3.76 18.76 6.26
CA GLY B 239 -4.57 19.91 6.68
C GLY B 239 -6.07 19.66 6.74
N ARG B 240 -6.48 18.41 6.54
CA ARG B 240 -7.90 18.04 6.49
C ARG B 240 -8.09 16.60 6.88
N MET B 241 -9.27 16.27 7.35
CA MET B 241 -9.69 14.88 7.43
C MET B 241 -9.86 14.33 6.03
N GLY B 242 -9.72 13.01 5.89
CA GLY B 242 -9.93 12.35 4.64
C GLY B 242 -11.40 12.04 4.39
N ARG B 243 -11.73 11.73 3.15
CA ARG B 243 -13.09 11.33 2.79
C ARG B 243 -13.10 9.82 2.63
N PRO B 244 -14.23 9.17 2.94
CA PRO B 244 -14.20 7.70 2.83
C PRO B 244 -13.91 7.21 1.39
N GLU B 245 -14.26 8.02 0.40
CA GLU B 245 -13.94 7.71 -1.00
C GLU B 245 -12.44 7.68 -1.25
N GLU B 246 -11.66 8.26 -0.34
CA GLU B 246 -10.19 8.23 -0.45
C GLU B 246 -9.57 6.91 0.06
N LEU B 247 -10.41 6.00 0.55
CA LEU B 247 -9.98 4.66 0.92
C LEU B 247 -10.23 3.61 -0.17
N THR B 248 -11.14 3.90 -1.10
CA THR B 248 -11.55 2.89 -2.09
C THR B 248 -10.38 2.39 -2.93
N GLY B 249 -9.49 3.29 -3.35
CA GLY B 249 -8.35 2.86 -4.18
C GLY B 249 -7.50 1.78 -3.50
N LEU B 250 -7.27 1.96 -2.21
CA LEU B 250 -6.42 1.07 -1.44
C LEU B 250 -7.09 -0.27 -1.17
N TYR B 251 -8.37 -0.24 -0.80
CA TYR B 251 -9.11 -1.48 -0.58
C TYR B 251 -9.25 -2.29 -1.87
N LEU B 252 -9.37 -1.57 -2.98
CA LEU B 252 -9.37 -2.24 -4.31
C LEU B 252 -8.01 -2.85 -4.62
N TYR B 253 -6.94 -2.09 -4.34
CA TYR B 253 -5.58 -2.59 -4.48
C TYR B 253 -5.42 -3.94 -3.73
N LEU B 254 -5.78 -3.95 -2.46
CA LEU B 254 -5.63 -5.16 -1.62
C LEU B 254 -6.54 -6.33 -2.00
N ALA B 255 -7.68 -6.03 -2.61
CA ALA B 255 -8.64 -7.09 -2.98
C ALA B 255 -8.33 -7.74 -4.32
N SER B 256 -7.50 -7.08 -5.13
CA SER B 256 -7.29 -7.53 -6.51
C SER B 256 -5.91 -8.15 -6.73
N ALA B 257 -5.68 -8.67 -7.94
CA ALA B 257 -4.38 -9.21 -8.32
C ALA B 257 -3.25 -8.20 -8.23
N ALA B 258 -3.58 -6.91 -8.15
CA ALA B 258 -2.54 -5.87 -8.08
C ALA B 258 -1.61 -6.07 -6.87
N SER B 259 -2.13 -6.74 -5.84
CA SER B 259 -1.42 -6.88 -4.57
C SER B 259 -0.93 -8.32 -4.32
N SER B 260 -0.81 -9.10 -5.41
CA SER B 260 -0.47 -10.53 -5.33
C SER B 260 0.76 -10.88 -4.44
N TYR B 261 1.77 -10.00 -4.33
CA TYR B 261 2.96 -10.33 -3.53
C TYR B 261 2.89 -9.79 -2.10
N MET B 262 1.80 -9.07 -1.78
CA MET B 262 1.68 -8.42 -0.46
C MET B 262 0.87 -9.26 0.53
N THR B 263 1.48 -9.62 1.64
CA THR B 263 0.72 -10.24 2.73
C THR B 263 1.41 -9.93 4.06
N GLY B 264 0.62 -9.79 5.11
CA GLY B 264 1.16 -9.42 6.41
C GLY B 264 1.56 -7.98 6.51
N SER B 265 1.12 -7.16 5.55
CA SER B 265 1.37 -5.72 5.58
C SER B 265 0.25 -4.92 6.23
N ASP B 266 0.65 -3.85 6.95
CA ASP B 266 -0.25 -2.81 7.39
C ASP B 266 0.02 -1.55 6.54
N ILE B 267 -1.05 -0.90 6.08
CA ILE B 267 -0.89 0.29 5.29
C ILE B 267 -1.61 1.46 5.95
N VAL B 268 -0.81 2.43 6.39
CA VAL B 268 -1.34 3.66 7.00
C VAL B 268 -1.81 4.62 5.90
N ILE B 269 -2.97 5.24 6.10
CA ILE B 269 -3.46 6.25 5.17
C ILE B 269 -4.09 7.38 6.00
N ASP B 270 -3.28 8.40 6.30
CA ASP B 270 -3.64 9.30 7.40
C ASP B 270 -3.31 10.75 7.22
N GLY B 271 -3.04 11.19 5.99
CA GLY B 271 -2.73 12.60 5.74
C GLY B 271 -1.42 13.05 6.36
N GLY B 272 -0.60 12.09 6.78
CA GLY B 272 0.68 12.35 7.43
C GLY B 272 0.66 12.40 8.95
N TYR B 273 -0.47 12.07 9.56
CA TYR B 273 -0.65 12.24 11.02
C TYR B 273 0.45 11.59 11.87
N THR B 274 0.83 10.37 11.50
CA THR B 274 1.78 9.56 12.28
C THR B 274 3.24 9.92 12.11
N CYS B 275 3.56 10.87 11.21
CA CYS B 275 4.96 11.23 11.00
C CYS B 275 5.60 12.05 12.13
N PRO B 276 4.92 13.13 12.58
CA PRO B 276 5.48 13.89 13.70
C PRO B 276 5.34 13.12 15.00
#